data_5F67
#
_entry.id   5F67
#
_cell.length_a   57.420
_cell.length_b   30.126
_cell.length_c   61.454
_cell.angle_alpha   90.00
_cell.angle_beta   90.50
_cell.angle_gamma   90.00
#
_symmetry.space_group_name_H-M   'P 1 2 1'
#
loop_
_entity.id
_entity.type
_entity.pdbx_description
1 polymer 'Inactivation-no-after-potential D protein'
2 polymer 'TRP C terminal Tail'
3 water water
#
loop_
_entity_poly.entity_id
_entity_poly.type
_entity_poly.pdbx_seq_one_letter_code
_entity_poly.pdbx_strand_id
1 'polypeptide(L)'
;GPGSKKFPTASDETKFIFDQFPKARTVQVRKEGFLGIMVIYGKHAEVGSGIFISDLREGSNAELAGVKVGDMLLAVNQDV
TLESNYDDATGLLKRAEGVVTMILLTLK
;
A,B
2 'polypeptide(L)' GPGSRGKSTVTGRMISGWL C,D
#
# COMPACT_ATOMS: atom_id res chain seq x y z
N SER A 11 -27.19 -3.63 -16.15
CA SER A 11 -26.38 -4.82 -16.01
C SER A 11 -25.82 -4.96 -14.59
N ASP A 12 -25.49 -6.20 -14.23
CA ASP A 12 -24.72 -6.45 -13.02
C ASP A 12 -23.26 -6.18 -13.37
N GLU A 13 -22.71 -5.07 -12.88
CA GLU A 13 -21.36 -4.67 -13.23
C GLU A 13 -20.29 -5.56 -12.59
N THR A 14 -20.70 -6.41 -11.64
CA THR A 14 -19.74 -7.26 -10.94
C THR A 14 -19.77 -8.72 -11.39
N LYS A 15 -20.73 -9.09 -12.24
CA LYS A 15 -20.89 -10.51 -12.57
C LYS A 15 -19.67 -11.11 -13.27
N PHE A 16 -18.94 -10.30 -14.04
CA PHE A 16 -17.77 -10.79 -14.77
C PHE A 16 -16.71 -11.34 -13.81
N ILE A 17 -16.71 -10.87 -12.57
CA ILE A 17 -15.73 -11.32 -11.59
C ILE A 17 -15.75 -12.83 -11.40
N PHE A 18 -16.92 -13.44 -11.52
CA PHE A 18 -17.04 -14.88 -11.29
C PHE A 18 -16.57 -15.72 -12.47
N ASP A 19 -16.22 -15.06 -13.57
CA ASP A 19 -15.60 -15.77 -14.70
C ASP A 19 -14.09 -15.63 -14.59
N GLN A 20 -13.64 -14.50 -14.07
CA GLN A 20 -12.21 -14.29 -13.86
C GLN A 20 -11.73 -15.02 -12.61
N PHE A 21 -12.57 -15.04 -11.58
CA PHE A 21 -12.26 -15.72 -10.32
C PHE A 21 -13.43 -16.64 -9.93
N PRO A 22 -13.50 -17.83 -10.54
CA PRO A 22 -14.71 -18.63 -10.36
C PRO A 22 -14.90 -19.17 -8.94
N LYS A 23 -13.88 -19.08 -8.10
CA LYS A 23 -14.03 -19.53 -6.70
C LYS A 23 -14.41 -18.39 -5.75
N ALA A 24 -14.64 -17.20 -6.31
CA ALA A 24 -15.06 -16.06 -5.48
C ALA A 24 -16.48 -16.30 -4.96
N ARG A 25 -16.84 -15.60 -3.90
CA ARG A 25 -18.17 -15.77 -3.32
C ARG A 25 -18.73 -14.42 -2.90
N THR A 26 -20.04 -14.36 -2.71
CA THR A 26 -20.67 -13.12 -2.29
C THR A 26 -21.09 -13.22 -0.83
N VAL A 27 -20.70 -12.24 -0.02
CA VAL A 27 -21.21 -12.17 1.35
C VAL A 27 -22.03 -10.90 1.54
N GLN A 28 -22.97 -10.93 2.48
CA GLN A 28 -23.82 -9.79 2.75
C GLN A 28 -23.62 -9.43 4.21
N VAL A 29 -22.96 -8.31 4.48
CA VAL A 29 -22.58 -8.00 5.86
C VAL A 29 -23.20 -6.68 6.30
N ARG A 30 -23.99 -6.72 7.38
CA ARG A 30 -24.63 -5.50 7.84
C ARG A 30 -23.66 -4.63 8.62
N LYS A 31 -23.58 -3.36 8.23
CA LYS A 31 -22.73 -2.42 8.96
C LYS A 31 -23.51 -1.97 10.18
N GLU A 32 -23.04 -2.36 11.36
CA GLU A 32 -23.64 -1.90 12.60
C GLU A 32 -22.49 -1.28 13.38
N GLY A 33 -22.29 0.03 13.17
CA GLY A 33 -21.10 0.70 13.68
C GLY A 33 -19.94 0.52 12.71
N PHE A 34 -19.68 -0.74 12.37
CA PHE A 34 -18.59 -1.08 11.47
C PHE A 34 -18.96 -2.44 10.87
N LEU A 35 -18.25 -2.84 9.82
CA LEU A 35 -18.41 -4.18 9.28
C LEU A 35 -17.61 -5.16 10.13
N GLY A 36 -16.39 -4.75 10.49
CA GLY A 36 -15.53 -5.56 11.33
C GLY A 36 -14.26 -5.98 10.63
N ILE A 37 -13.82 -5.20 9.64
CA ILE A 37 -12.61 -5.56 8.89
C ILE A 37 -11.63 -4.42 8.79
N MET A 38 -10.38 -4.77 8.47
CA MET A 38 -9.39 -3.81 7.97
C MET A 38 -8.84 -4.38 6.67
N VAL A 39 -8.31 -3.52 5.82
CA VAL A 39 -7.75 -3.99 4.57
C VAL A 39 -6.38 -3.39 4.35
N ILE A 40 -5.63 -4.01 3.45
CA ILE A 40 -4.36 -3.45 3.00
C ILE A 40 -4.32 -3.56 1.49
N TYR A 41 -3.46 -2.77 0.87
CA TYR A 41 -3.12 -3.01 -0.51
C TYR A 41 -1.91 -3.94 -0.47
N GLY A 42 -2.06 -5.13 -1.05
CA GLY A 42 -1.00 -6.12 -0.96
C GLY A 42 -0.84 -6.94 -2.23
N LYS A 43 -0.15 -8.06 -2.10
CA LYS A 43 0.15 -8.89 -3.26
C LYS A 43 0.03 -10.36 -2.85
N HIS A 44 -0.43 -11.19 -3.78
CA HIS A 44 -0.44 -12.62 -3.55
C HIS A 44 0.11 -13.28 -4.80
N ALA A 45 0.90 -14.33 -4.60
CA ALA A 45 1.60 -14.99 -5.70
C ALA A 45 0.67 -15.43 -6.84
N GLU A 46 -0.55 -15.82 -6.48
CA GLU A 46 -1.46 -16.46 -7.43
C GLU A 46 -2.32 -15.47 -8.22
N VAL A 47 -2.42 -14.24 -7.76
CA VAL A 47 -3.43 -13.35 -8.30
C VAL A 47 -2.89 -11.92 -8.56
N GLY A 48 -1.72 -11.62 -7.99
CA GLY A 48 -1.12 -10.31 -8.17
C GLY A 48 -1.50 -9.32 -7.09
N SER A 49 -1.42 -8.03 -7.41
CA SER A 49 -1.71 -6.97 -6.44
C SER A 49 -3.20 -6.67 -6.35
N GLY A 50 -3.61 -6.13 -5.20
CA GLY A 50 -4.99 -5.73 -5.00
C GLY A 50 -5.26 -5.49 -3.54
N ILE A 51 -6.55 -5.50 -3.17
CA ILE A 51 -6.97 -5.20 -1.81
C ILE A 51 -7.28 -6.50 -1.09
N PHE A 52 -6.71 -6.67 0.10
CA PHE A 52 -6.89 -7.92 0.87
C PHE A 52 -7.37 -7.61 2.27
N ILE A 53 -8.23 -8.46 2.81
CA ILE A 53 -8.62 -8.34 4.21
C ILE A 53 -7.37 -8.60 5.07
N SER A 54 -7.07 -7.69 6.00
CA SER A 54 -5.85 -7.78 6.80
C SER A 54 -6.13 -8.03 8.27
N ASP A 55 -7.37 -7.75 8.70
CA ASP A 55 -7.72 -8.05 10.08
C ASP A 55 -9.23 -8.19 10.17
N LEU A 56 -9.68 -8.81 11.25
CA LEU A 56 -11.09 -9.14 11.38
C LEU A 56 -11.40 -8.98 12.86
N ARG A 57 -12.50 -8.29 13.17
CA ARG A 57 -12.84 -7.99 14.56
C ARG A 57 -13.67 -9.11 15.17
N GLU A 58 -13.24 -9.61 16.32
CA GLU A 58 -13.96 -10.69 16.99
C GLU A 58 -15.40 -10.28 17.31
N GLY A 59 -16.35 -11.18 17.01
CA GLY A 59 -17.75 -10.92 17.29
C GLY A 59 -18.47 -10.05 16.28
N SER A 60 -17.74 -9.55 15.29
CA SER A 60 -18.30 -8.62 14.31
C SER A 60 -19.16 -9.34 13.27
N ASN A 61 -19.97 -8.59 12.53
CA ASN A 61 -20.80 -9.17 11.48
C ASN A 61 -19.97 -9.73 10.33
N ALA A 62 -18.80 -9.14 10.06
CA ALA A 62 -17.93 -9.69 9.04
C ALA A 62 -17.44 -11.07 9.45
N GLU A 63 -17.08 -11.22 10.72
CA GLU A 63 -16.62 -12.52 11.20
C GLU A 63 -17.75 -13.54 11.10
N LEU A 64 -18.95 -13.13 11.52
CA LEU A 64 -20.12 -14.00 11.46
C LEU A 64 -20.48 -14.45 10.05
N ALA A 65 -20.18 -13.62 9.06
CA ALA A 65 -20.50 -13.92 7.66
C ALA A 65 -19.44 -14.75 6.95
N GLY A 66 -18.36 -15.04 7.65
CA GLY A 66 -17.33 -15.89 7.06
C GLY A 66 -16.26 -15.17 6.27
N VAL A 67 -16.11 -13.86 6.48
CA VAL A 67 -14.97 -13.14 5.91
C VAL A 67 -13.72 -13.68 6.61
N LYS A 68 -12.66 -13.93 5.84
CA LYS A 68 -11.41 -14.42 6.44
C LYS A 68 -10.27 -13.46 6.18
N VAL A 69 -9.37 -13.35 7.16
CA VAL A 69 -8.13 -12.61 6.95
C VAL A 69 -7.38 -13.24 5.77
N GLY A 70 -6.90 -12.40 4.86
CA GLY A 70 -6.21 -12.88 3.67
C GLY A 70 -7.09 -12.93 2.43
N ASP A 71 -8.41 -12.85 2.61
CA ASP A 71 -9.32 -12.88 1.46
C ASP A 71 -9.06 -11.67 0.56
N MET A 72 -9.14 -11.87 -0.76
CA MET A 72 -9.03 -10.72 -1.67
C MET A 72 -10.41 -10.10 -1.84
N LEU A 73 -10.47 -8.77 -1.73
CA LEU A 73 -11.73 -8.04 -1.87
C LEU A 73 -11.90 -7.59 -3.31
N LEU A 74 -12.92 -8.13 -3.98
CA LEU A 74 -13.08 -7.93 -5.42
C LEU A 74 -14.18 -6.93 -5.78
N ALA A 75 -15.17 -6.76 -4.92
CA ALA A 75 -16.18 -5.72 -5.12
C ALA A 75 -16.84 -5.32 -3.81
N VAL A 76 -17.31 -4.07 -3.76
CA VAL A 76 -18.12 -3.57 -2.65
C VAL A 76 -19.41 -3.07 -3.26
N ASN A 77 -20.53 -3.72 -2.94
CA ASN A 77 -21.79 -3.46 -3.63
C ASN A 77 -21.56 -3.52 -5.14
N GLN A 78 -21.96 -2.50 -5.89
CA GLN A 78 -21.76 -2.56 -7.34
C GLN A 78 -20.45 -1.95 -7.82
N ASP A 79 -19.59 -1.56 -6.89
CA ASP A 79 -18.28 -1.01 -7.26
C ASP A 79 -17.16 -2.06 -7.26
N VAL A 80 -16.61 -2.33 -8.42
CA VAL A 80 -15.53 -3.32 -8.56
C VAL A 80 -14.24 -2.77 -7.93
N THR A 81 -13.58 -3.58 -7.10
CA THR A 81 -12.36 -3.12 -6.41
C THR A 81 -11.10 -3.83 -6.89
N LEU A 82 -11.22 -4.55 -8.00
CA LEU A 82 -10.09 -5.23 -8.60
C LEU A 82 -8.94 -4.29 -8.90
N GLU A 83 -9.27 -3.07 -9.32
CA GLU A 83 -8.24 -2.09 -9.67
C GLU A 83 -8.18 -0.90 -8.72
N SER A 84 -8.85 -1.00 -7.57
CA SER A 84 -8.90 0.10 -6.62
C SER A 84 -7.60 0.25 -5.85
N ASN A 85 -7.21 1.49 -5.59
CA ASN A 85 -6.10 1.73 -4.66
C ASN A 85 -6.64 1.73 -3.23
N TYR A 86 -5.74 1.93 -2.27
CA TYR A 86 -6.13 1.85 -0.86
C TYR A 86 -7.15 2.92 -0.48
N ASP A 87 -6.92 4.15 -0.93
CA ASP A 87 -7.82 5.26 -0.59
C ASP A 87 -9.22 5.01 -1.14
N ASP A 88 -9.30 4.53 -2.37
CA ASP A 88 -10.59 4.32 -3.00
C ASP A 88 -11.35 3.16 -2.38
N ALA A 89 -10.65 2.05 -2.11
CA ALA A 89 -11.33 0.89 -1.50
C ALA A 89 -11.82 1.17 -0.09
N THR A 90 -10.96 1.76 0.73
CA THR A 90 -11.40 2.12 2.08
C THR A 90 -12.52 3.14 2.03
N GLY A 91 -12.48 4.05 1.06
CA GLY A 91 -13.55 5.01 0.89
C GLY A 91 -14.89 4.34 0.61
N LEU A 92 -14.87 3.33 -0.26
CA LEU A 92 -16.09 2.60 -0.58
C LEU A 92 -16.62 1.90 0.65
N LEU A 93 -15.73 1.27 1.43
CA LEU A 93 -16.16 0.54 2.61
C LEU A 93 -16.73 1.48 3.68
N LYS A 94 -16.09 2.64 3.85
CA LYS A 94 -16.55 3.61 4.84
C LYS A 94 -17.89 4.23 4.48
N ARG A 95 -18.12 4.50 3.20
CA ARG A 95 -19.35 5.17 2.78
C ARG A 95 -20.58 4.26 2.74
N ALA A 96 -20.36 2.97 2.54
CA ALA A 96 -21.46 2.01 2.41
C ALA A 96 -22.25 1.93 3.70
N GLU A 97 -23.58 1.86 3.58
CA GLU A 97 -24.45 1.78 4.76
C GLU A 97 -25.33 0.56 4.64
N GLY A 98 -25.85 0.10 5.77
CA GLY A 98 -26.80 -1.00 5.77
C GLY A 98 -26.11 -2.31 5.46
N VAL A 99 -26.79 -3.16 4.69
CA VAL A 99 -26.19 -4.41 4.23
C VAL A 99 -25.22 -4.16 3.08
N VAL A 100 -23.96 -4.51 3.31
CA VAL A 100 -22.91 -4.24 2.34
C VAL A 100 -22.54 -5.56 1.67
N THR A 101 -22.64 -5.58 0.35
CA THR A 101 -22.35 -6.77 -0.43
C THR A 101 -20.86 -6.74 -0.73
N MET A 102 -20.16 -7.82 -0.41
CA MET A 102 -18.76 -7.90 -0.77
C MET A 102 -18.50 -9.19 -1.53
N ILE A 103 -17.67 -9.10 -2.57
CA ILE A 103 -17.26 -10.29 -3.28
C ILE A 103 -15.85 -10.57 -2.80
N LEU A 104 -15.63 -11.77 -2.29
CA LEU A 104 -14.37 -12.13 -1.66
C LEU A 104 -13.81 -13.39 -2.28
N LEU A 105 -12.49 -13.51 -2.30
CA LEU A 105 -11.84 -14.72 -2.80
C LEU A 105 -10.87 -15.23 -1.76
N THR A 106 -11.12 -16.44 -1.24
CA THR A 106 -10.21 -17.06 -0.29
C THR A 106 -9.19 -17.84 -1.09
N LEU A 107 -7.92 -17.58 -0.83
CA LEU A 107 -6.84 -18.21 -1.62
C LEU A 107 -6.25 -19.39 -0.86
N LYS A 108 -6.05 -20.50 -1.57
CA LYS A 108 -5.69 -21.75 -0.89
C LYS A 108 -5.04 -22.73 -1.86
N GLY B 1 -24.10 2.59 20.82
CA GLY B 1 -23.49 1.87 19.72
C GLY B 1 -22.32 1.02 20.21
N PRO B 2 -21.82 0.12 19.35
CA PRO B 2 -20.67 -0.69 19.77
C PRO B 2 -19.42 0.17 19.88
N GLY B 3 -18.52 -0.22 20.77
CA GLY B 3 -17.31 0.56 21.00
C GLY B 3 -16.40 0.61 19.79
N SER B 4 -15.64 1.69 19.65
CA SER B 4 -14.78 1.82 18.48
C SER B 4 -13.63 0.81 18.58
N ARG B 5 -13.23 0.50 19.80
CA ARG B 5 -12.18 -0.50 20.01
C ARG B 5 -12.72 -1.92 20.08
N GLY B 6 -12.06 -2.84 19.39
CA GLY B 6 -12.49 -4.22 19.36
C GLY B 6 -11.28 -5.12 19.22
N LYS B 7 -11.47 -6.41 19.45
CA LYS B 7 -10.34 -7.34 19.48
C LYS B 7 -9.93 -7.85 18.10
N SER B 8 -8.64 -7.68 17.78
CA SER B 8 -8.09 -8.16 16.53
C SER B 8 -7.95 -9.69 16.54
N THR B 9 -8.43 -10.35 15.48
CA THR B 9 -8.25 -11.80 15.37
C THR B 9 -6.81 -12.14 14.99
N VAL B 10 -6.11 -11.17 14.41
CA VAL B 10 -4.70 -11.36 14.03
C VAL B 10 -3.74 -11.21 15.20
N THR B 11 -3.92 -10.17 16.01
CA THR B 11 -2.97 -9.87 17.08
C THR B 11 -3.50 -10.17 18.49
N GLY B 12 -4.82 -10.22 18.63
CA GLY B 12 -5.43 -10.40 19.93
C GLY B 12 -5.51 -9.08 20.70
N ARG B 13 -5.00 -8.01 20.09
CA ARG B 13 -4.99 -6.70 20.75
C ARG B 13 -6.30 -5.95 20.52
N MET B 14 -6.62 -5.05 21.45
CA MET B 14 -7.80 -4.20 21.33
C MET B 14 -7.41 -2.95 20.56
N ILE B 15 -7.93 -2.81 19.35
CA ILE B 15 -7.54 -1.71 18.47
C ILE B 15 -8.77 -1.01 17.89
N SER B 16 -8.59 0.20 17.37
CA SER B 16 -9.67 0.91 16.69
C SER B 16 -9.36 0.95 15.18
N GLY B 17 -10.12 1.74 14.43
CA GLY B 17 -9.86 1.87 13.00
C GLY B 17 -10.56 0.81 12.18
N TRP B 18 -11.63 0.25 12.75
CA TRP B 18 -12.40 -0.77 12.04
C TRP B 18 -13.28 -0.16 10.96
N LEU B 19 -13.31 -0.83 9.81
CA LEU B 19 -14.26 -0.50 8.75
C LEU B 19 -15.50 -1.35 8.96
N SER C 11 14.98 2.71 20.37
CA SER C 11 15.41 3.97 19.79
C SER C 11 14.95 4.11 18.34
N ASP C 12 14.76 5.35 17.91
CA ASP C 12 14.57 5.64 16.48
C ASP C 12 15.97 5.65 15.87
N GLU C 13 16.28 4.63 15.07
CA GLU C 13 17.62 4.48 14.51
C GLU C 13 17.91 5.51 13.41
N THR C 14 16.87 6.21 12.96
CA THR C 14 17.04 7.17 11.87
C THR C 14 17.03 8.63 12.33
N LYS C 15 16.75 8.88 13.62
CA LYS C 15 16.58 10.25 14.07
C LYS C 15 17.86 11.10 13.92
N PHE C 16 19.03 10.48 14.06
CA PHE C 16 20.28 11.20 13.93
C PHE C 16 20.43 11.88 12.57
N ILE C 17 19.76 11.33 11.56
CA ILE C 17 19.84 11.87 10.21
C ILE C 17 19.45 13.36 10.16
N PHE C 18 18.48 13.75 10.98
CA PHE C 18 18.03 15.14 10.98
C PHE C 18 18.98 16.11 11.68
N ASP C 19 20.02 15.58 12.33
CA ASP C 19 21.07 16.45 12.86
C ASP C 19 22.22 16.55 11.86
N GLN C 20 22.44 15.49 11.09
CA GLN C 20 23.48 15.51 10.06
C GLN C 20 22.97 16.25 8.82
N PHE C 21 21.69 16.06 8.50
CA PHE C 21 21.06 16.73 7.36
C PHE C 21 19.77 17.41 7.81
N PRO C 22 19.89 18.61 8.41
CA PRO C 22 18.71 19.20 9.04
C PRO C 22 17.61 19.63 8.07
N LYS C 23 17.89 19.65 6.78
CA LYS C 23 16.87 19.98 5.78
C LYS C 23 16.19 18.74 5.20
N ALA C 24 16.55 17.55 5.69
CA ALA C 24 15.91 16.32 5.22
C ALA C 24 14.46 16.29 5.68
N ARG C 25 13.64 15.47 5.03
CA ARG C 25 12.23 15.38 5.38
C ARG C 25 11.78 13.94 5.32
N THR C 26 10.64 13.65 5.96
CA THR C 26 10.09 12.31 5.93
C THR C 26 8.87 12.25 5.03
N VAL C 27 8.85 11.31 4.09
CA VAL C 27 7.64 11.08 3.30
C VAL C 27 7.12 9.68 3.58
N GLN C 28 5.81 9.50 3.43
CA GLN C 28 5.18 8.21 3.66
C GLN C 28 4.51 7.81 2.35
N VAL C 29 5.05 6.80 1.67
CA VAL C 29 4.58 6.48 0.33
C VAL C 29 4.05 5.07 0.28
N ARG C 30 2.77 4.92 -0.08
CA ARG C 30 2.21 3.58 -0.15
C ARG C 30 2.64 2.84 -1.40
N LYS C 31 3.17 1.63 -1.21
CA LYS C 31 3.51 0.79 -2.36
C LYS C 31 2.25 0.13 -2.88
N GLU C 32 1.84 0.53 -4.09
CA GLU C 32 0.71 -0.08 -4.75
C GLU C 32 1.24 -0.53 -6.10
N GLY C 33 1.73 -1.77 -6.13
CA GLY C 33 2.45 -2.25 -7.30
C GLY C 33 3.90 -1.82 -7.21
N PHE C 34 4.10 -0.52 -7.02
CA PHE C 34 5.44 0.06 -6.96
C PHE C 34 5.29 1.34 -6.17
N LEU C 35 6.41 1.92 -5.75
CA LEU C 35 6.39 3.25 -5.14
C LEU C 35 6.34 4.30 -6.26
N GLY C 36 7.13 4.07 -7.30
CA GLY C 36 7.16 4.95 -8.45
C GLY C 36 8.50 5.62 -8.64
N ILE C 37 9.57 5.00 -8.16
CA ILE C 37 10.90 5.60 -8.28
C ILE C 37 11.93 4.63 -8.88
N MET C 38 13.02 5.20 -9.38
CA MET C 38 14.25 4.45 -9.62
C MET C 38 15.37 5.18 -8.89
N VAL C 39 16.44 4.47 -8.58
CA VAL C 39 17.56 5.10 -7.90
C VAL C 39 18.86 4.75 -8.61
N ILE C 40 19.90 5.53 -8.32
CA ILE C 40 21.25 5.22 -8.75
C ILE C 40 22.17 5.41 -7.57
N TYR C 41 23.36 4.82 -7.66
CA TYR C 41 24.41 5.19 -6.74
C TYR C 41 25.17 6.31 -7.44
N GLY C 42 25.21 7.49 -6.83
CA GLY C 42 25.82 8.63 -7.48
C GLY C 42 26.54 9.54 -6.51
N LYS C 43 26.83 10.76 -6.96
CA LYS C 43 27.61 11.71 -6.19
C LYS C 43 27.02 13.09 -6.34
N HIS C 44 27.07 13.87 -5.27
CA HIS C 44 26.70 15.28 -5.36
C HIS C 44 27.78 16.10 -4.66
N ALA C 45 28.11 17.25 -5.24
CA ALA C 45 29.20 18.08 -4.75
C ALA C 45 29.06 18.43 -3.27
N GLU C 46 27.83 18.56 -2.79
CA GLU C 46 27.59 19.09 -1.45
C GLU C 46 27.55 18.01 -0.37
N VAL C 47 27.31 16.76 -0.74
CA VAL C 47 27.19 15.74 0.29
C VAL C 47 27.99 14.46 0.05
N GLY C 48 28.58 14.33 -1.13
CA GLY C 48 29.37 13.16 -1.45
C GLY C 48 28.57 12.05 -2.13
N SER C 49 29.05 10.82 -1.99
CA SER C 49 28.42 9.67 -2.64
C SER C 49 27.26 9.11 -1.84
N GLY C 50 26.35 8.44 -2.53
CA GLY C 50 25.21 7.82 -1.89
C GLY C 50 24.14 7.44 -2.90
N ILE C 51 22.92 7.21 -2.39
CA ILE C 51 21.80 6.78 -3.23
C ILE C 51 20.92 7.97 -3.55
N PHE C 52 20.62 8.17 -4.82
CA PHE C 52 19.81 9.31 -5.26
C PHE C 52 18.64 8.85 -6.12
N ILE C 53 17.50 9.52 -5.97
CA ILE C 53 16.37 9.26 -6.86
C ILE C 53 16.77 9.67 -8.27
N SER C 54 16.62 8.76 -9.23
CA SER C 54 17.04 9.02 -10.60
C SER C 54 15.89 9.14 -11.60
N ASP C 55 14.73 8.64 -11.20
CA ASP C 55 13.56 8.80 -12.05
C ASP C 55 12.32 8.68 -11.20
N LEU C 56 11.20 9.14 -11.73
CA LEU C 56 9.97 9.22 -10.97
C LEU C 56 8.86 8.93 -11.95
N ARG C 57 7.94 8.05 -11.58
CA ARG C 57 6.88 7.62 -12.50
C ARG C 57 5.68 8.54 -12.41
N GLU C 58 5.23 9.04 -13.55
CA GLU C 58 4.08 9.95 -13.58
C GLU C 58 2.82 9.29 -12.99
N GLY C 59 2.12 10.03 -12.13
CA GLY C 59 0.90 9.53 -11.50
C GLY C 59 1.11 8.60 -10.32
N SER C 60 2.38 8.30 -10.00
CA SER C 60 2.68 7.33 -8.94
C SER C 60 2.52 7.95 -7.55
N ASN C 61 2.47 7.12 -6.52
CA ASN C 61 2.38 7.61 -5.14
C ASN C 61 3.62 8.38 -4.71
N ALA C 62 4.79 8.00 -5.24
CA ALA C 62 6.00 8.75 -4.93
C ALA C 62 5.89 10.17 -5.48
N GLU C 63 5.38 10.30 -6.70
CA GLU C 63 5.22 11.63 -7.27
C GLU C 63 4.23 12.45 -6.44
N LEU C 64 3.11 11.83 -6.09
CA LEU C 64 2.09 12.49 -5.29
C LEU C 64 2.58 12.96 -3.91
N ALA C 65 3.56 12.23 -3.35
CA ALA C 65 4.10 12.54 -2.03
C ALA C 65 5.22 13.57 -2.06
N GLY C 66 5.60 14.00 -3.26
CA GLY C 66 6.61 15.05 -3.35
C GLY C 66 8.04 14.57 -3.44
N VAL C 67 8.24 13.30 -3.77
CA VAL C 67 9.59 12.82 -4.04
C VAL C 67 10.06 13.51 -5.33
N LYS C 68 11.31 13.99 -5.35
CA LYS C 68 11.83 14.65 -6.55
C LYS C 68 13.03 13.91 -7.10
N VAL C 69 13.17 13.90 -8.43
CA VAL C 69 14.37 13.39 -9.05
C VAL C 69 15.57 14.20 -8.54
N GLY C 70 16.63 13.49 -8.15
CA GLY C 70 17.81 14.15 -7.60
C GLY C 70 17.87 14.12 -6.08
N ASP C 71 16.75 13.80 -5.42
CA ASP C 71 16.74 13.75 -3.95
C ASP C 71 17.68 12.67 -3.47
N MET C 72 18.38 12.92 -2.36
CA MET C 72 19.22 11.86 -1.77
C MET C 72 18.35 11.03 -0.84
N LEU C 73 18.45 9.71 -0.97
CA LEU C 73 17.67 8.79 -0.14
C LEU C 73 18.48 8.38 1.08
N LEU C 74 18.01 8.78 2.26
CA LEU C 74 18.79 8.64 3.49
C LEU C 74 18.33 7.49 4.39
N ALA C 75 17.05 7.12 4.28
CA ALA C 75 16.57 5.94 5.01
C ALA C 75 15.35 5.36 4.35
N VAL C 76 15.16 4.04 4.51
CA VAL C 76 13.94 3.35 4.10
C VAL C 76 13.40 2.68 5.35
N ASN C 77 12.22 3.11 5.80
CA ASN C 77 11.70 2.68 7.10
C ASN C 77 12.79 2.87 8.15
N GLN C 78 13.12 1.83 8.91
CA GLN C 78 14.13 1.99 9.96
C GLN C 78 15.55 1.64 9.50
N ASP C 79 15.71 1.35 8.21
CA ASP C 79 17.03 1.06 7.68
C ASP C 79 17.72 2.28 7.07
N VAL C 80 18.82 2.70 7.67
CA VAL C 80 19.57 3.85 7.18
C VAL C 80 20.28 3.51 5.87
N THR C 81 20.17 4.38 4.87
CA THR C 81 20.76 4.09 3.56
C THR C 81 21.92 5.03 3.22
N LEU C 82 22.37 5.77 4.21
CA LEU C 82 23.51 6.67 4.04
C LEU C 82 24.74 5.95 3.52
N GLU C 83 24.93 4.70 3.96
CA GLU C 83 26.12 3.94 3.58
C GLU C 83 25.78 2.73 2.71
N SER C 84 24.55 2.66 2.21
CA SER C 84 24.12 1.49 1.42
C SER C 84 24.70 1.53 0.01
N ASN C 85 25.07 0.35 -0.51
CA ASN C 85 25.38 0.26 -1.93
C ASN C 85 24.11 0.10 -2.76
N TYR C 86 24.26 0.01 -4.08
CA TYR C 86 23.10 -0.06 -4.95
C TYR C 86 22.26 -1.31 -4.69
N ASP C 87 22.92 -2.46 -4.55
CA ASP C 87 22.19 -3.71 -4.32
C ASP C 87 21.39 -3.67 -3.03
N ASP C 88 22.02 -3.16 -1.97
CA ASP C 88 21.34 -3.14 -0.67
C ASP C 88 20.18 -2.15 -0.63
N ALA C 89 20.36 -0.96 -1.21
CA ALA C 89 19.28 0.03 -1.22
C ALA C 89 18.09 -0.41 -2.07
N THR C 90 18.35 -0.89 -3.28
CA THR C 90 17.26 -1.40 -4.10
C THR C 90 16.58 -2.59 -3.43
N GLY C 91 17.36 -3.41 -2.72
CA GLY C 91 16.80 -4.53 -1.98
C GLY C 91 15.81 -4.06 -0.92
N LEU C 92 16.18 -3.03 -0.18
CA LEU C 92 15.31 -2.49 0.85
C LEU C 92 14.03 -1.97 0.23
N LEU C 93 14.14 -1.25 -0.89
CA LEU C 93 12.96 -0.68 -1.53
C LEU C 93 12.04 -1.76 -2.09
N LYS C 94 12.63 -2.80 -2.67
CA LYS C 94 11.83 -3.88 -3.24
C LYS C 94 11.10 -4.69 -2.17
N ARG C 95 11.76 -4.92 -1.03
CA ARG C 95 11.17 -5.76 0.02
C ARG C 95 10.09 -5.06 0.86
N ALA C 96 10.16 -3.74 0.95
CA ALA C 96 9.23 -2.98 1.78
C ALA C 96 7.82 -3.10 1.23
N GLU C 97 6.85 -3.25 2.13
CA GLU C 97 5.45 -3.39 1.74
C GLU C 97 4.63 -2.33 2.43
N GLY C 98 3.45 -2.03 1.90
CA GLY C 98 2.54 -1.10 2.56
C GLY C 98 3.04 0.32 2.46
N VAL C 99 2.86 1.09 3.54
CA VAL C 99 3.36 2.45 3.60
C VAL C 99 4.84 2.44 3.91
N VAL C 100 5.62 2.98 2.98
CA VAL C 100 7.07 2.95 3.10
C VAL C 100 7.54 4.35 3.48
N THR C 101 8.26 4.42 4.60
CA THR C 101 8.76 5.67 5.12
C THR C 101 10.11 5.93 4.47
N MET C 102 10.26 7.07 3.82
CA MET C 102 11.57 7.41 3.27
C MET C 102 12.01 8.75 3.79
N ILE C 103 13.30 8.85 4.11
CA ILE C 103 13.85 10.14 4.47
C ILE C 103 14.62 10.62 3.25
N LEU C 104 14.25 11.81 2.79
CA LEU C 104 14.80 12.35 1.54
C LEU C 104 15.40 13.72 1.77
N LEU C 105 16.43 14.05 0.99
CA LEU C 105 17.03 15.38 1.07
C LEU C 105 17.05 16.00 -0.32
N THR C 106 16.34 17.11 -0.50
CA THR C 106 16.38 17.82 -1.77
C THR C 106 17.53 18.81 -1.71
N LEU C 107 18.41 18.76 -2.71
CA LEU C 107 19.61 19.59 -2.69
C LEU C 107 19.46 20.82 -3.59
N GLY D 1 -3.89 -5.00 -11.14
CA GLY D 1 -2.85 -4.13 -10.61
C GLY D 1 -2.37 -3.14 -11.65
N PRO D 2 -1.61 -2.13 -11.23
CA PRO D 2 -1.13 -1.15 -12.22
C PRO D 2 -0.08 -1.79 -13.13
N GLY D 3 0.02 -1.31 -14.37
CA GLY D 3 0.92 -1.91 -15.33
C GLY D 3 2.37 -1.74 -14.94
N SER D 4 3.23 -2.65 -15.36
CA SER D 4 4.65 -2.57 -14.97
C SER D 4 5.30 -1.40 -15.69
N ARG D 5 4.80 -1.09 -16.89
CA ARG D 5 5.32 0.05 -17.64
C ARG D 5 4.62 1.36 -17.28
N GLY D 6 5.41 2.42 -17.08
CA GLY D 6 4.88 3.71 -16.71
C GLY D 6 5.74 4.80 -17.28
N LYS D 7 5.23 6.03 -17.28
CA LYS D 7 5.93 7.13 -17.94
C LYS D 7 7.02 7.78 -17.08
N SER D 8 8.22 7.87 -17.63
CA SER D 8 9.34 8.50 -16.96
C SER D 8 9.19 10.01 -16.96
N THR D 9 9.36 10.63 -15.79
CA THR D 9 9.33 12.09 -15.72
C THR D 9 10.62 12.70 -16.29
N VAL D 10 11.67 11.88 -16.33
CA VAL D 10 12.96 12.33 -16.86
C VAL D 10 13.01 12.28 -18.39
N THR D 11 12.55 11.18 -18.98
CA THR D 11 12.67 10.99 -20.43
C THR D 11 11.35 11.11 -21.18
N GLY D 12 10.23 10.94 -20.49
CA GLY D 12 8.94 10.93 -21.14
C GLY D 12 8.63 9.59 -21.79
N ARG D 13 9.56 8.65 -21.67
CA ARG D 13 9.39 7.33 -22.27
C ARG D 13 8.64 6.39 -21.34
N MET D 14 7.97 5.40 -21.92
CA MET D 14 7.28 4.37 -21.15
C MET D 14 8.27 3.24 -20.86
N ILE D 15 8.63 3.08 -19.59
CA ILE D 15 9.66 2.11 -19.20
C ILE D 15 9.17 1.26 -18.04
N SER D 16 9.83 0.12 -17.82
CA SER D 16 9.54 -0.72 -16.65
C SER D 16 10.71 -0.65 -15.68
N GLY D 17 10.72 -1.52 -14.67
CA GLY D 17 11.81 -1.51 -13.70
C GLY D 17 11.59 -0.54 -12.56
N TRP D 18 10.33 -0.20 -12.31
CA TRP D 18 10.01 0.72 -11.22
C TRP D 18 10.10 0.04 -9.87
N LEU D 19 10.63 0.77 -8.89
CA LEU D 19 10.61 0.34 -7.50
C LEU D 19 9.38 0.95 -6.84
#